data_5W41
#
_entry.id   5W41
#
_cell.length_a   78.360
_cell.length_b   89.230
_cell.length_c   98.530
_cell.angle_alpha   90.00
_cell.angle_beta   90.00
_cell.angle_gamma   90.00
#
_symmetry.space_group_name_H-M   'P 21 21 21'
#
loop_
_entity.id
_entity.type
_entity.pdbx_description
1 polymer 'Importin subunit alpha-1'
2 polymer 'ZIKA MR766 NLS'
3 water water
#
loop_
_entity_poly.entity_id
_entity_poly.type
_entity_poly.pdbx_seq_one_letter_code
_entity_poly.pdbx_strand_id
1 'polypeptide(L)'
;MHHHHHHSSGLVPRGSGMLETAAALFERNHMDSPDLGTDDDDLAMADIGSNQGTVNWSVEDIVKGINSNNLESQLQATQA
ARKLLSREKQPPIDNIIRAGLIPKFVSFLGKTDCSPIQFESAWALTNIASGTSEQTKAVVDGGAIPAFISLLASPHAHIS
EQAVWALGNIAGDGSAFRDLVIKHGAIDPLLALLAVPDLSTLACGYLRNLTWTLSNLCRNKNPAPPLDAVEQILPTLVRL
LHHNDPEVLADSCWAISYLTDGPNERIEMVVKKGVVPQLVKLLGATELPIVTPALRAIGNIVTGTDEQTQKVIDAGALAV
FPSLLTNPKTNIQKEATWTMSNITAGRQDQIQQVVNHGLVPFLVGVLSKADFKTQKEAAWAITNYTSGGTVEQIVYLVHC
GIIEPLMNLLSAKDTKIIQVILDAISNIFQAAEKLGETEKLSIMIEECGGLDKIEALQRHENESVYKASLNLIEKYFSVE
EEEDQNVVPETTSEGFAFQVQDGAPGTFNF
;
A
2 'polypeptide(L)' GSTRQVMNIVSSWLWKELGKRKRPRVCTKEEFINKVRSN B
#
# COMPACT_ATOMS: atom_id res chain seq x y z
N GLY A 53 3.57 -14.74 40.50
CA GLY A 53 3.57 -16.09 39.95
C GLY A 53 4.60 -16.30 38.86
N THR A 54 4.32 -15.79 37.65
CA THR A 54 5.20 -15.97 36.50
C THR A 54 5.75 -14.65 35.97
N VAL A 55 5.72 -13.56 36.75
CA VAL A 55 6.24 -12.29 36.26
C VAL A 55 7.72 -12.16 36.61
N ASN A 56 8.48 -11.57 35.67
CA ASN A 56 9.91 -11.31 35.78
C ASN A 56 10.78 -12.49 36.20
N TRP A 57 10.57 -13.65 35.58
CA TRP A 57 11.51 -14.74 35.74
C TRP A 57 12.80 -14.43 34.99
N SER A 58 13.90 -15.03 35.45
CA SER A 58 15.12 -15.01 34.67
C SER A 58 15.05 -16.06 33.56
N VAL A 59 15.83 -15.83 32.51
CA VAL A 59 15.90 -16.80 31.42
C VAL A 59 16.43 -18.13 31.95
N GLU A 60 17.38 -18.07 32.88
CA GLU A 60 17.90 -19.26 33.54
C GLU A 60 16.77 -20.08 34.17
N ASP A 61 15.84 -19.42 34.87
CA ASP A 61 14.75 -20.12 35.53
C ASP A 61 13.74 -20.67 34.52
N ILE A 62 13.45 -19.89 33.48
CA ILE A 62 12.58 -20.41 32.41
C ILE A 62 13.19 -21.68 31.85
N VAL A 63 14.51 -21.67 31.61
CA VAL A 63 15.17 -22.83 31.03
C VAL A 63 15.07 -24.03 31.97
N LYS A 64 15.33 -23.80 33.25
CA LYS A 64 15.22 -24.89 34.23
C LYS A 64 13.80 -25.47 34.25
N GLY A 65 12.78 -24.62 34.19
CA GLY A 65 11.41 -25.13 34.21
C GLY A 65 11.02 -25.87 32.94
N ILE A 66 11.44 -25.36 31.78
CA ILE A 66 11.11 -26.02 30.53
C ILE A 66 11.86 -27.33 30.41
N ASN A 67 13.02 -27.45 31.06
CA ASN A 67 13.81 -28.67 31.00
C ASN A 67 13.40 -29.71 32.03
N SER A 68 12.56 -29.34 33.00
CA SER A 68 12.00 -30.30 33.93
C SER A 68 11.19 -31.35 33.16
N ASN A 69 10.95 -32.49 33.80
CA ASN A 69 10.11 -33.49 33.13
C ASN A 69 8.70 -33.45 33.69
N ASN A 70 8.16 -32.23 33.76
CA ASN A 70 6.89 -31.97 34.42
C ASN A 70 6.14 -30.97 33.55
N LEU A 71 5.07 -31.47 32.90
CA LEU A 71 4.35 -30.63 31.96
C LEU A 71 3.82 -29.35 32.62
N GLU A 72 3.37 -29.45 33.88
CA GLU A 72 2.90 -28.24 34.55
C GLU A 72 4.03 -27.27 34.88
N SER A 73 5.20 -27.81 35.26
CA SER A 73 6.36 -26.94 35.40
C SER A 73 6.70 -26.28 34.07
N GLN A 74 6.67 -27.06 32.99
CA GLN A 74 6.92 -26.51 31.68
C GLN A 74 5.91 -25.44 31.33
N LEU A 75 4.63 -25.65 31.67
CA LEU A 75 3.61 -24.67 31.37
C LEU A 75 3.90 -23.37 32.09
N GLN A 76 4.29 -23.46 33.36
CA GLN A 76 4.51 -22.23 34.10
C GLN A 76 5.75 -21.50 33.59
N ALA A 77 6.80 -22.26 33.22
CA ALA A 77 7.97 -21.64 32.63
C ALA A 77 7.64 -20.98 31.28
N THR A 78 6.78 -21.62 30.51
CA THR A 78 6.43 -21.10 29.19
C THR A 78 5.64 -19.81 29.31
N GLN A 79 4.67 -19.77 30.23
CA GLN A 79 4.02 -18.51 30.55
C GLN A 79 5.02 -17.45 31.00
N ALA A 80 6.00 -17.82 31.82
CA ALA A 80 6.96 -16.81 32.24
C ALA A 80 7.71 -16.26 31.03
N ALA A 81 8.07 -17.14 30.09
CA ALA A 81 8.71 -16.68 28.85
C ALA A 81 7.77 -15.77 28.07
N ARG A 82 6.49 -16.13 28.01
CA ARG A 82 5.52 -15.32 27.29
C ARG A 82 5.45 -13.91 27.87
N LYS A 83 5.40 -13.81 29.21
CA LYS A 83 5.34 -12.50 29.85
C LYS A 83 6.63 -11.71 29.61
N LEU A 84 7.79 -12.39 29.63
CA LEU A 84 9.03 -11.71 29.24
C LEU A 84 8.94 -11.13 27.83
N LEU A 85 8.51 -11.95 26.87
CA LEU A 85 8.44 -11.55 25.47
C LEU A 85 7.30 -10.58 25.20
N SER A 86 6.41 -10.39 26.15
CA SER A 86 5.28 -9.49 25.99
C SER A 86 5.53 -8.10 26.56
N ARG A 87 6.65 -7.88 27.25
CA ARG A 87 6.97 -6.56 27.74
C ARG A 87 7.50 -5.70 26.60
N GLU A 88 7.21 -4.41 26.65
CA GLU A 88 7.45 -3.58 25.47
C GLU A 88 8.88 -3.08 25.37
N LYS A 89 9.54 -2.80 26.48
CA LYS A 89 10.89 -2.27 26.39
C LYS A 89 11.85 -3.44 26.25
N GLN A 90 12.21 -3.73 25.01
CA GLN A 90 13.28 -4.63 24.57
C GLN A 90 13.16 -6.01 25.19
N PRO A 91 12.14 -6.77 24.80
CA PRO A 91 12.02 -8.15 25.25
C PRO A 91 13.25 -8.94 24.85
N PRO A 92 13.71 -9.82 25.69
CA PRO A 92 14.96 -10.55 25.43
C PRO A 92 14.77 -11.69 24.43
N ILE A 93 14.41 -11.32 23.20
CA ILE A 93 14.17 -12.34 22.17
C ILE A 93 15.44 -13.14 21.90
N ASP A 94 16.57 -12.45 21.73
CA ASP A 94 17.78 -13.18 21.39
C ASP A 94 18.24 -14.06 22.54
N ASN A 95 18.03 -13.63 23.78
CA ASN A 95 18.41 -14.48 24.92
C ASN A 95 17.58 -15.75 24.96
N ILE A 96 16.27 -15.62 24.67
CA ILE A 96 15.40 -16.79 24.60
C ILE A 96 15.84 -17.72 23.47
N ILE A 97 16.11 -17.16 22.29
CA ILE A 97 16.58 -17.96 21.17
C ILE A 97 17.87 -18.69 21.54
N ARG A 98 18.85 -17.95 22.08
CA ARG A 98 20.15 -18.52 22.41
C ARG A 98 20.03 -19.63 23.44
N ALA A 99 19.04 -19.52 24.36
CA ALA A 99 18.84 -20.59 25.33
C ALA A 99 18.30 -21.87 24.69
N GLY A 100 18.06 -21.89 23.38
CA GLY A 100 17.55 -23.07 22.71
C GLY A 100 16.09 -23.41 22.97
N LEU A 101 15.27 -22.42 23.33
CA LEU A 101 13.89 -22.69 23.73
C LEU A 101 12.92 -22.88 22.56
N ILE A 102 13.25 -22.39 21.35
CA ILE A 102 12.29 -22.46 20.25
C ILE A 102 11.81 -23.89 19.96
N PRO A 103 12.68 -24.90 19.83
CA PRO A 103 12.18 -26.26 19.56
C PRO A 103 11.24 -26.78 20.65
N LYS A 104 11.49 -26.43 21.91
CA LYS A 104 10.58 -26.82 22.99
C LYS A 104 9.22 -26.17 22.82
N PHE A 105 9.17 -24.85 22.60
CA PHE A 105 7.93 -24.16 22.30
C PHE A 105 7.16 -24.83 21.16
N VAL A 106 7.88 -25.14 20.08
CA VAL A 106 7.21 -25.75 18.93
C VAL A 106 6.63 -27.11 19.30
N SER A 107 7.37 -27.90 20.08
CA SER A 107 6.79 -29.19 20.45
C SER A 107 5.60 -29.00 21.39
N PHE A 108 5.60 -27.91 22.18
CA PHE A 108 4.43 -27.63 23.02
C PHE A 108 3.21 -27.26 22.20
N LEU A 109 3.40 -26.77 20.97
CA LEU A 109 2.24 -26.49 20.13
C LEU A 109 1.40 -27.74 19.85
N GLY A 110 1.98 -28.93 19.95
CA GLY A 110 1.28 -30.17 19.67
C GLY A 110 0.70 -30.87 20.88
N LYS A 111 0.73 -30.24 22.06
CA LYS A 111 0.25 -30.89 23.28
C LYS A 111 -1.25 -30.64 23.45
N THR A 112 -2.02 -31.45 22.69
CA THR A 112 -3.46 -31.29 22.64
C THR A 112 -4.12 -31.41 24.01
N ASP A 113 -3.54 -32.18 24.91
CA ASP A 113 -4.18 -32.36 26.20
C ASP A 113 -3.85 -31.27 27.20
N CYS A 114 -2.94 -30.35 26.85
CA CYS A 114 -2.61 -29.21 27.71
C CYS A 114 -2.73 -27.97 26.84
N SER A 115 -3.98 -27.60 26.56
CA SER A 115 -4.22 -26.45 25.69
C SER A 115 -3.61 -25.16 26.24
N PRO A 116 -3.51 -24.92 27.56
CA PRO A 116 -2.81 -23.71 28.01
C PRO A 116 -1.35 -23.63 27.58
N ILE A 117 -0.64 -24.76 27.47
CA ILE A 117 0.75 -24.67 27.04
C ILE A 117 0.83 -24.46 25.53
N GLN A 118 -0.17 -24.95 24.79
CA GLN A 118 -0.30 -24.60 23.37
C GLN A 118 -0.46 -23.10 23.21
N PHE A 119 -1.34 -22.50 24.00
CA PHE A 119 -1.58 -21.06 23.92
C PHE A 119 -0.34 -20.26 24.31
N GLU A 120 0.27 -20.59 25.45
CA GLU A 120 1.43 -19.85 25.91
C GLU A 120 2.61 -19.98 24.95
N SER A 121 2.83 -21.18 24.41
CA SER A 121 3.96 -21.32 23.50
C SER A 121 3.65 -20.64 22.17
N ALA A 122 2.38 -20.66 21.74
CA ALA A 122 1.99 -19.96 20.53
C ALA A 122 2.23 -18.46 20.65
N TRP A 123 1.91 -17.92 21.81
CA TRP A 123 2.11 -16.50 22.04
C TRP A 123 3.59 -16.16 22.10
N ALA A 124 4.36 -16.93 22.88
CA ALA A 124 5.81 -16.75 22.93
C ALA A 124 6.40 -16.75 21.52
N LEU A 125 6.02 -17.75 20.72
CA LEU A 125 6.59 -17.87 19.38
C LEU A 125 6.11 -16.73 18.48
N THR A 126 4.87 -16.28 18.67
CA THR A 126 4.37 -15.15 17.90
C THR A 126 5.25 -13.94 18.12
N ASN A 127 5.61 -13.68 19.38
CA ASN A 127 6.39 -12.48 19.65
C ASN A 127 7.83 -12.62 19.19
N ILE A 128 8.39 -13.83 19.26
CA ILE A 128 9.69 -14.02 18.62
C ILE A 128 9.59 -13.77 17.11
N ALA A 129 8.53 -14.28 16.47
CA ALA A 129 8.37 -14.18 15.01
C ALA A 129 8.07 -12.78 14.55
N SER A 130 7.59 -11.90 15.44
CA SER A 130 7.36 -10.50 15.17
C SER A 130 8.65 -9.70 15.11
N GLY A 131 9.81 -10.29 15.37
CA GLY A 131 11.05 -9.53 15.42
C GLY A 131 11.76 -9.37 14.09
N THR A 132 13.09 -9.41 14.12
CA THR A 132 13.88 -9.30 12.90
C THR A 132 13.72 -10.53 12.03
N SER A 133 14.06 -10.39 10.74
CA SER A 133 14.03 -11.54 9.84
C SER A 133 14.78 -12.72 10.41
N GLU A 134 15.89 -12.47 11.10
CA GLU A 134 16.65 -13.57 11.67
C GLU A 134 15.86 -14.26 12.78
N GLN A 135 15.12 -13.49 13.56
CA GLN A 135 14.31 -14.06 14.64
C GLN A 135 13.11 -14.84 14.08
N THR A 136 12.42 -14.26 13.09
CA THR A 136 11.38 -15.02 12.39
C THR A 136 11.95 -16.30 11.82
N LYS A 137 13.16 -16.22 11.26
CA LYS A 137 13.78 -17.38 10.67
C LYS A 137 14.04 -18.44 11.72
N ALA A 138 14.44 -18.04 12.93
CA ALA A 138 14.62 -19.04 13.99
C ALA A 138 13.30 -19.74 14.30
N VAL A 139 12.17 -19.02 14.26
CA VAL A 139 10.88 -19.69 14.52
C VAL A 139 10.57 -20.69 13.41
N VAL A 140 10.77 -20.29 12.14
CA VAL A 140 10.53 -21.21 11.03
C VAL A 140 11.46 -22.41 11.08
N ASP A 141 12.73 -22.15 11.38
CA ASP A 141 13.72 -23.22 11.44
C ASP A 141 13.37 -24.27 12.48
N GLY A 142 12.66 -23.88 13.54
CA GLY A 142 12.23 -24.81 14.57
C GLY A 142 11.04 -25.67 14.20
N GLY A 143 10.51 -25.55 12.98
CA GLY A 143 9.36 -26.33 12.55
C GLY A 143 8.01 -25.69 12.83
N ALA A 144 7.95 -24.39 13.11
CA ALA A 144 6.72 -23.81 13.62
C ALA A 144 5.60 -23.77 12.59
N ILE A 145 5.90 -23.71 11.30
CA ILE A 145 4.84 -23.45 10.32
C ILE A 145 3.79 -24.57 10.31
N PRO A 146 4.16 -25.85 10.11
CA PRO A 146 3.10 -26.87 10.10
C PRO A 146 2.41 -27.02 11.46
N ALA A 147 3.13 -26.76 12.56
CA ALA A 147 2.49 -26.87 13.87
C ALA A 147 1.44 -25.78 14.07
N PHE A 148 1.70 -24.56 13.59
CA PHE A 148 0.71 -23.51 13.66
C PHE A 148 -0.47 -23.80 12.74
N ILE A 149 -0.19 -24.37 11.57
CA ILE A 149 -1.29 -24.67 10.66
C ILE A 149 -2.20 -25.72 11.29
N SER A 150 -1.61 -26.72 11.98
CA SER A 150 -2.45 -27.68 12.69
C SER A 150 -3.25 -26.99 13.79
N LEU A 151 -2.66 -26.00 14.45
CA LEU A 151 -3.40 -25.25 15.47
C LEU A 151 -4.55 -24.44 14.92
N LEU A 152 -4.58 -24.15 13.61
CA LEU A 152 -5.72 -23.40 13.09
C LEU A 152 -7.05 -24.10 13.36
N ALA A 153 -7.02 -25.44 13.48
CA ALA A 153 -8.22 -26.24 13.75
C ALA A 153 -8.53 -26.41 15.22
N SER A 154 -7.81 -25.74 16.12
CA SER A 154 -8.05 -25.94 17.54
C SER A 154 -9.48 -25.55 17.89
N PRO A 155 -10.16 -26.32 18.76
CA PRO A 155 -11.51 -25.92 19.21
C PRO A 155 -11.50 -24.71 20.13
N HIS A 156 -10.32 -24.25 20.57
CA HIS A 156 -10.21 -23.09 21.44
C HIS A 156 -9.93 -21.88 20.56
N ALA A 157 -10.90 -20.99 20.46
CA ALA A 157 -10.75 -19.86 19.55
C ALA A 157 -9.51 -19.05 19.87
N HIS A 158 -9.15 -18.92 21.15
CA HIS A 158 -8.03 -18.04 21.45
C HIS A 158 -6.72 -18.66 20.97
N ILE A 159 -6.67 -19.98 20.88
CA ILE A 159 -5.47 -20.68 20.39
C ILE A 159 -5.40 -20.62 18.88
N SER A 160 -6.53 -20.88 18.22
CA SER A 160 -6.63 -20.71 16.78
C SER A 160 -6.19 -19.30 16.38
N GLU A 161 -6.73 -18.30 17.07
CA GLU A 161 -6.37 -16.91 16.79
C GLU A 161 -4.87 -16.71 16.94
N GLN A 162 -4.27 -17.27 18.00
CA GLN A 162 -2.85 -17.07 18.18
C GLN A 162 -2.06 -17.70 17.02
N ALA A 163 -2.52 -18.84 16.50
CA ALA A 163 -1.84 -19.44 15.35
C ALA A 163 -2.00 -18.57 14.11
N VAL A 164 -3.18 -17.97 13.93
CA VAL A 164 -3.40 -17.03 12.81
C VAL A 164 -2.39 -15.89 12.88
N TRP A 165 -2.25 -15.33 14.09
CA TRP A 165 -1.34 -14.22 14.31
C TRP A 165 0.10 -14.62 14.00
N ALA A 166 0.53 -15.78 14.52
CA ALA A 166 1.89 -16.26 14.25
C ALA A 166 2.15 -16.41 12.77
N LEU A 167 1.21 -17.02 12.05
CA LEU A 167 1.38 -17.23 10.62
C LEU A 167 1.42 -15.91 9.88
N GLY A 168 0.66 -14.92 10.34
CA GLY A 168 0.74 -13.59 9.73
C GLY A 168 2.12 -12.95 9.91
N ASN A 169 2.74 -13.11 11.09
CA ASN A 169 4.09 -12.57 11.26
C ASN A 169 5.10 -13.28 10.36
N ILE A 170 5.03 -14.62 10.33
CA ILE A 170 5.94 -15.40 9.48
C ILE A 170 5.77 -15.00 8.02
N ALA A 171 4.54 -15.03 7.52
CA ALA A 171 4.29 -14.64 6.13
C ALA A 171 4.69 -13.20 5.87
N GLY A 172 4.54 -12.33 6.87
CA GLY A 172 4.88 -10.93 6.69
C GLY A 172 6.37 -10.66 6.64
N ASP A 173 7.20 -11.66 6.98
CA ASP A 173 8.64 -11.45 6.78
C ASP A 173 9.01 -11.15 5.33
N GLY A 174 8.36 -11.75 4.35
CA GLY A 174 8.84 -11.63 2.98
C GLY A 174 8.25 -12.69 2.08
N SER A 175 8.55 -12.53 0.77
CA SER A 175 8.06 -13.43 -0.28
C SER A 175 8.32 -14.90 0.03
N ALA A 176 9.55 -15.23 0.44
CA ALA A 176 9.92 -16.63 0.58
C ALA A 176 9.14 -17.30 1.72
N PHE A 177 9.08 -16.68 2.90
CA PHE A 177 8.30 -17.27 3.99
C PHE A 177 6.81 -17.19 3.69
N ARG A 178 6.35 -16.13 3.02
CA ARG A 178 4.96 -16.08 2.56
C ARG A 178 4.62 -17.32 1.74
N ASP A 179 5.47 -17.62 0.76
CA ASP A 179 5.19 -18.73 -0.13
C ASP A 179 5.41 -20.04 0.57
N LEU A 180 6.28 -20.07 1.58
CA LEU A 180 6.46 -21.31 2.35
C LEU A 180 5.24 -21.61 3.20
N VAL A 181 4.68 -20.59 3.86
CA VAL A 181 3.42 -20.74 4.57
C VAL A 181 2.34 -21.24 3.63
N ILE A 182 2.30 -20.70 2.41
CA ILE A 182 1.28 -21.17 1.47
C ILE A 182 1.51 -22.64 1.09
N LYS A 183 2.78 -23.02 0.82
CA LYS A 183 3.08 -24.41 0.44
C LYS A 183 2.69 -25.40 1.54
N HIS A 184 2.87 -25.02 2.82
CA HIS A 184 2.43 -25.91 3.90
C HIS A 184 0.92 -25.99 4.01
N GLY A 185 0.17 -25.25 3.19
CA GLY A 185 -1.28 -25.39 3.17
C GLY A 185 -2.04 -24.51 4.15
N ALA A 186 -1.57 -23.30 4.44
CA ALA A 186 -2.27 -22.48 5.41
C ALA A 186 -3.60 -21.95 4.89
N ILE A 187 -3.74 -21.77 3.57
CA ILE A 187 -4.83 -20.96 3.05
C ILE A 187 -6.18 -21.63 3.31
N ASP A 188 -6.31 -22.93 3.04
CA ASP A 188 -7.58 -23.63 3.25
C ASP A 188 -8.08 -23.54 4.69
N PRO A 189 -7.29 -23.86 5.73
CA PRO A 189 -7.85 -23.72 7.09
C PRO A 189 -8.06 -22.27 7.49
N LEU A 190 -7.22 -21.35 7.01
CA LEU A 190 -7.51 -19.94 7.30
C LEU A 190 -8.89 -19.55 6.75
N LEU A 191 -9.14 -19.83 5.48
CA LEU A 191 -10.40 -19.44 4.86
C LEU A 191 -11.57 -20.17 5.50
N ALA A 192 -11.37 -21.44 5.91
CA ALA A 192 -12.44 -22.16 6.60
C ALA A 192 -12.85 -21.45 7.87
N LEU A 193 -11.92 -20.79 8.56
CA LEU A 193 -12.35 -20.02 9.73
C LEU A 193 -13.35 -18.90 9.39
N LEU A 194 -13.36 -18.38 8.16
CA LEU A 194 -14.29 -17.32 7.76
C LEU A 194 -15.53 -17.84 7.03
N ALA A 195 -15.68 -19.16 6.89
CA ALA A 195 -16.81 -19.73 6.17
C ALA A 195 -18.01 -19.85 7.12
N VAL A 196 -18.54 -18.69 7.48
CA VAL A 196 -19.76 -18.56 8.28
C VAL A 196 -20.72 -17.68 7.50
N PRO A 197 -22.04 -17.81 7.77
CA PRO A 197 -23.01 -17.05 6.97
C PRO A 197 -22.95 -15.55 7.21
N ASP A 198 -22.56 -15.12 8.42
CA ASP A 198 -22.47 -13.69 8.72
C ASP A 198 -21.23 -13.46 9.55
N LEU A 199 -20.27 -12.69 9.01
CA LEU A 199 -19.02 -12.43 9.71
C LEU A 199 -19.24 -11.76 11.07
N SER A 200 -20.38 -11.08 11.24
CA SER A 200 -20.66 -10.37 12.49
C SER A 200 -20.74 -11.30 13.70
N THR A 201 -20.90 -12.61 13.50
CA THR A 201 -20.92 -13.53 14.62
C THR A 201 -19.53 -13.89 15.14
N LEU A 202 -18.48 -13.58 14.39
CA LEU A 202 -17.13 -13.81 14.89
C LEU A 202 -16.71 -12.65 15.79
N ALA A 203 -15.86 -12.97 16.77
CA ALA A 203 -15.31 -11.93 17.63
C ALA A 203 -14.49 -10.95 16.81
N CYS A 204 -14.62 -9.68 17.18
CA CYS A 204 -14.01 -8.59 16.43
C CYS A 204 -12.49 -8.78 16.31
N GLY A 205 -11.83 -9.05 17.44
CA GLY A 205 -10.38 -9.18 17.41
C GLY A 205 -9.93 -10.36 16.58
N TYR A 206 -10.65 -11.48 16.68
CA TYR A 206 -10.42 -12.66 15.85
C TYR A 206 -10.49 -12.31 14.36
N LEU A 207 -11.58 -11.65 13.96
CA LEU A 207 -11.77 -11.28 12.55
C LEU A 207 -10.68 -10.31 12.07
N ARG A 208 -10.29 -9.37 12.92
CA ARG A 208 -9.22 -8.45 12.56
C ARG A 208 -7.90 -9.18 12.36
N ASN A 209 -7.61 -10.16 13.22
CA ASN A 209 -6.38 -10.91 13.07
C ASN A 209 -6.38 -11.74 11.79
N LEU A 210 -7.52 -12.37 11.47
CA LEU A 210 -7.59 -13.15 10.25
C LEU A 210 -7.41 -12.27 9.02
N THR A 211 -8.08 -11.10 9.00
CA THR A 211 -7.94 -10.18 7.87
C THR A 211 -6.49 -9.75 7.72
N TRP A 212 -5.83 -9.43 8.83
CA TRP A 212 -4.46 -8.97 8.74
C TRP A 212 -3.55 -10.07 8.22
N THR A 213 -3.73 -11.30 8.70
CA THR A 213 -2.88 -12.39 8.21
C THR A 213 -3.12 -12.65 6.72
N LEU A 214 -4.39 -12.66 6.29
CA LEU A 214 -4.68 -12.82 4.86
C LEU A 214 -4.04 -11.71 4.05
N SER A 215 -4.02 -10.47 4.58
CA SER A 215 -3.38 -9.40 3.82
C SER A 215 -1.87 -9.62 3.72
N ASN A 216 -1.24 -10.25 4.73
CA ASN A 216 0.18 -10.58 4.56
C ASN A 216 0.38 -11.68 3.54
N LEU A 217 -0.58 -12.58 3.36
CA LEU A 217 -0.43 -13.56 2.28
C LEU A 217 -0.60 -12.93 0.89
N CYS A 218 -1.22 -11.75 0.80
CA CYS A 218 -1.31 -11.02 -0.47
C CYS A 218 -0.13 -10.09 -0.72
N ARG A 219 0.75 -9.90 0.28
CA ARG A 219 1.72 -8.84 0.27
C ARG A 219 3.06 -9.30 -0.34
N ASN A 220 3.84 -8.31 -0.81
CA ASN A 220 5.23 -8.40 -1.26
C ASN A 220 5.33 -8.84 -2.72
N LYS A 221 6.48 -8.56 -3.34
CA LYS A 221 6.71 -8.80 -4.74
C LYS A 221 8.06 -9.47 -4.91
N ASN A 222 8.40 -9.76 -6.17
CA ASN A 222 9.64 -10.44 -6.49
C ASN A 222 9.81 -11.71 -5.64
N PRO A 223 8.92 -12.68 -5.82
CA PRO A 223 7.76 -12.64 -6.72
C PRO A 223 6.47 -12.20 -6.00
N ALA A 224 5.44 -11.86 -6.78
CA ALA A 224 4.11 -11.67 -6.24
C ALA A 224 3.58 -13.02 -5.76
N PRO A 225 2.49 -13.05 -4.98
CA PRO A 225 1.97 -14.34 -4.49
C PRO A 225 1.51 -15.21 -5.65
N PRO A 226 1.48 -16.52 -5.47
CA PRO A 226 1.05 -17.42 -6.54
C PRO A 226 -0.36 -17.07 -7.01
N LEU A 227 -0.56 -17.15 -8.33
CA LEU A 227 -1.85 -16.81 -8.93
C LEU A 227 -2.97 -17.60 -8.32
N ASP A 228 -2.80 -18.92 -8.19
CA ASP A 228 -3.86 -19.76 -7.64
C ASP A 228 -4.15 -19.39 -6.18
N ALA A 229 -3.12 -19.02 -5.42
CA ALA A 229 -3.35 -18.58 -4.05
C ALA A 229 -4.15 -17.28 -4.01
N VAL A 230 -3.86 -16.37 -4.95
CA VAL A 230 -4.63 -15.14 -5.03
C VAL A 230 -6.09 -15.45 -5.37
N GLU A 231 -6.32 -16.31 -6.37
CA GLU A 231 -7.69 -16.64 -6.77
C GLU A 231 -8.45 -17.29 -5.63
N GLN A 232 -7.76 -18.11 -4.85
CA GLN A 232 -8.38 -18.76 -3.72
C GLN A 232 -8.75 -17.75 -2.63
N ILE A 233 -7.90 -16.74 -2.41
CA ILE A 233 -8.15 -15.79 -1.33
C ILE A 233 -9.16 -14.72 -1.72
N LEU A 234 -9.20 -14.32 -2.99
CA LEU A 234 -9.93 -13.12 -3.39
C LEU A 234 -11.41 -13.09 -2.99
N PRO A 235 -12.21 -14.15 -3.15
CA PRO A 235 -13.63 -14.05 -2.75
C PRO A 235 -13.82 -13.75 -1.27
N THR A 236 -12.96 -14.30 -0.41
CA THR A 236 -13.07 -13.99 1.01
C THR A 236 -12.69 -12.54 1.25
N LEU A 237 -11.65 -12.06 0.56
CA LEU A 237 -11.29 -10.65 0.66
C LEU A 237 -12.43 -9.74 0.21
N VAL A 238 -13.08 -10.05 -0.90
CA VAL A 238 -14.20 -9.22 -1.34
C VAL A 238 -15.26 -9.18 -0.24
N ARG A 239 -15.53 -10.31 0.40
CA ARG A 239 -16.50 -10.33 1.48
C ARG A 239 -16.06 -9.47 2.68
N LEU A 240 -14.77 -9.53 3.04
CA LEU A 240 -14.26 -8.71 4.13
C LEU A 240 -14.30 -7.21 3.81
N LEU A 241 -14.12 -6.87 2.53
CA LEU A 241 -14.21 -5.49 2.07
C LEU A 241 -15.60 -4.87 2.28
N HIS A 242 -16.61 -5.68 2.58
CA HIS A 242 -17.96 -5.19 2.87
C HIS A 242 -18.31 -5.29 4.35
N HIS A 243 -17.36 -5.68 5.18
CA HIS A 243 -17.63 -5.82 6.61
C HIS A 243 -17.52 -4.48 7.31
N ASN A 244 -18.39 -4.25 8.30
CA ASN A 244 -18.56 -2.94 8.93
C ASN A 244 -17.39 -2.48 9.78
N ASP A 245 -16.41 -3.31 10.09
CA ASP A 245 -15.42 -2.89 11.10
C ASP A 245 -14.29 -2.08 10.46
N PRO A 246 -13.90 -0.94 11.05
CA PRO A 246 -12.89 -0.08 10.39
C PRO A 246 -11.53 -0.73 10.17
N GLU A 247 -11.09 -1.59 11.09
CA GLU A 247 -9.77 -2.19 10.90
C GLU A 247 -9.80 -3.34 9.90
N VAL A 248 -10.88 -4.11 9.88
CA VAL A 248 -11.08 -5.11 8.83
C VAL A 248 -11.07 -4.42 7.46
N LEU A 249 -11.79 -3.30 7.34
CA LEU A 249 -11.84 -2.59 6.06
C LEU A 249 -10.46 -2.07 5.66
N ALA A 250 -9.76 -1.40 6.59
CA ALA A 250 -8.41 -0.93 6.30
C ALA A 250 -7.53 -2.07 5.80
N ASP A 251 -7.51 -3.21 6.51
CA ASP A 251 -6.60 -4.28 6.11
C ASP A 251 -7.03 -5.00 4.83
N SER A 252 -8.35 -5.08 4.59
CA SER A 252 -8.86 -5.58 3.31
C SER A 252 -8.38 -4.70 2.17
N CYS A 253 -8.50 -3.39 2.35
CA CYS A 253 -7.99 -2.44 1.36
C CYS A 253 -6.48 -2.58 1.16
N TRP A 254 -5.73 -2.78 2.23
CA TRP A 254 -4.30 -3.00 2.08
C TRP A 254 -4.05 -4.22 1.21
N ALA A 255 -4.73 -5.33 1.51
CA ALA A 255 -4.59 -6.55 0.71
C ALA A 255 -4.88 -6.29 -0.76
N ILE A 256 -5.99 -5.62 -1.04
CA ILE A 256 -6.32 -5.30 -2.44
C ILE A 256 -5.24 -4.42 -3.05
N SER A 257 -4.69 -3.49 -2.25
CA SER A 257 -3.66 -2.61 -2.77
C SER A 257 -2.40 -3.41 -3.13
N TYR A 258 -2.06 -4.41 -2.32
CA TYR A 258 -0.96 -5.30 -2.68
C TYR A 258 -1.27 -6.03 -3.96
N LEU A 259 -2.49 -6.58 -4.06
CA LEU A 259 -2.83 -7.42 -5.21
C LEU A 259 -2.87 -6.62 -6.51
N THR A 260 -3.15 -5.33 -6.43
CA THR A 260 -3.19 -4.50 -7.64
C THR A 260 -1.86 -3.82 -7.93
N ASP A 261 -0.85 -4.09 -7.10
CA ASP A 261 0.47 -3.51 -7.30
C ASP A 261 1.29 -4.47 -8.17
N GLY A 262 1.11 -4.35 -9.48
CA GLY A 262 1.76 -5.26 -10.39
C GLY A 262 1.20 -5.15 -11.80
N PRO A 263 1.55 -6.13 -12.65
CA PRO A 263 1.11 -6.09 -14.06
C PRO A 263 -0.40 -6.19 -14.23
N ASN A 264 -0.84 -5.84 -15.44
CA ASN A 264 -2.27 -5.64 -15.71
C ASN A 264 -3.09 -6.90 -15.48
N GLU A 265 -2.48 -8.08 -15.60
CA GLU A 265 -3.26 -9.30 -15.38
C GLU A 265 -3.61 -9.46 -13.91
N ARG A 266 -2.72 -9.04 -13.02
CA ARG A 266 -3.04 -9.02 -11.59
C ARG A 266 -4.18 -8.05 -11.30
N ILE A 267 -4.07 -6.83 -11.84
CA ILE A 267 -5.14 -5.84 -11.68
C ILE A 267 -6.45 -6.41 -12.19
N GLU A 268 -6.42 -7.06 -13.35
CA GLU A 268 -7.63 -7.63 -13.93
C GLU A 268 -8.25 -8.66 -13.01
N MET A 269 -7.43 -9.52 -12.40
CA MET A 269 -7.94 -10.47 -11.41
C MET A 269 -8.76 -9.75 -10.36
N VAL A 270 -8.27 -8.60 -9.89
CA VAL A 270 -9.01 -7.88 -8.85
C VAL A 270 -10.27 -7.21 -9.44
N VAL A 271 -10.10 -6.48 -10.53
CA VAL A 271 -11.18 -5.66 -11.08
C VAL A 271 -12.37 -6.55 -11.50
N LYS A 272 -12.08 -7.75 -12.03
CA LYS A 272 -13.15 -8.63 -12.49
C LYS A 272 -13.95 -9.19 -11.30
N LYS A 273 -13.42 -9.10 -10.07
CA LYS A 273 -14.24 -9.45 -8.90
C LYS A 273 -15.26 -8.38 -8.54
N GLY A 274 -15.29 -7.25 -9.26
CA GLY A 274 -16.29 -6.23 -9.04
C GLY A 274 -16.08 -5.32 -7.85
N VAL A 275 -14.86 -5.24 -7.30
CA VAL A 275 -14.62 -4.49 -6.06
C VAL A 275 -14.45 -2.99 -6.26
N VAL A 276 -14.35 -2.51 -7.50
CA VAL A 276 -14.03 -1.09 -7.71
C VAL A 276 -15.07 -0.16 -7.10
N PRO A 277 -16.39 -0.36 -7.30
CA PRO A 277 -17.35 0.51 -6.61
C PRO A 277 -17.18 0.52 -5.09
N GLN A 278 -16.85 -0.63 -4.49
CA GLN A 278 -16.67 -0.62 -3.05
C GLN A 278 -15.40 0.12 -2.68
N LEU A 279 -14.36 0.01 -3.50
CA LEU A 279 -13.15 0.77 -3.26
C LEU A 279 -13.41 2.28 -3.31
N VAL A 280 -14.24 2.72 -4.26
CA VAL A 280 -14.55 4.14 -4.38
C VAL A 280 -15.37 4.63 -3.17
N LYS A 281 -16.35 3.82 -2.75
CA LYS A 281 -17.05 4.13 -1.51
C LYS A 281 -16.07 4.31 -0.36
N LEU A 282 -15.13 3.36 -0.20
CA LEU A 282 -14.17 3.47 0.90
C LEU A 282 -13.24 4.65 0.71
N LEU A 283 -12.99 5.03 -0.55
CA LEU A 283 -12.25 6.26 -0.82
C LEU A 283 -12.93 7.45 -0.16
N GLY A 284 -14.25 7.41 -0.03
CA GLY A 284 -14.87 8.49 0.69
C GLY A 284 -14.99 8.34 2.20
N ALA A 285 -14.34 7.36 2.83
CA ALA A 285 -14.54 7.16 4.26
C ALA A 285 -13.94 8.29 5.08
N THR A 286 -14.43 8.46 6.32
CA THR A 286 -13.85 9.50 7.16
C THR A 286 -12.58 9.02 7.85
N GLU A 287 -12.39 7.72 7.99
CA GLU A 287 -11.20 7.19 8.66
C GLU A 287 -10.03 7.19 7.69
N LEU A 288 -8.99 7.96 8.02
CA LEU A 288 -7.78 7.96 7.23
C LEU A 288 -7.14 6.58 7.06
N PRO A 289 -7.09 5.71 8.09
CA PRO A 289 -6.56 4.35 7.88
C PRO A 289 -7.30 3.57 6.79
N ILE A 290 -8.53 3.92 6.45
CA ILE A 290 -9.23 3.30 5.32
C ILE A 290 -8.93 4.04 4.01
N VAL A 291 -8.92 5.38 4.03
CA VAL A 291 -8.74 6.11 2.77
C VAL A 291 -7.37 5.84 2.21
N THR A 292 -6.35 5.73 3.07
CA THR A 292 -4.99 5.53 2.56
C THR A 292 -4.89 4.27 1.70
N PRO A 293 -5.18 3.07 2.21
CA PRO A 293 -5.10 1.88 1.32
C PRO A 293 -6.11 1.91 0.18
N ALA A 294 -7.32 2.43 0.38
CA ALA A 294 -8.29 2.48 -0.72
C ALA A 294 -7.78 3.34 -1.87
N LEU A 295 -7.20 4.50 -1.55
CA LEU A 295 -6.62 5.36 -2.57
C LEU A 295 -5.43 4.68 -3.23
N ARG A 296 -4.62 3.99 -2.44
CA ARG A 296 -3.49 3.26 -3.03
C ARG A 296 -3.97 2.24 -4.06
N ALA A 297 -5.04 1.49 -3.72
CA ALA A 297 -5.56 0.48 -4.63
C ALA A 297 -6.12 1.11 -5.89
N ILE A 298 -6.91 2.18 -5.74
CA ILE A 298 -7.41 2.90 -6.91
C ILE A 298 -6.27 3.38 -7.81
N GLY A 299 -5.22 3.97 -7.19
CA GLY A 299 -4.08 4.46 -7.97
C GLY A 299 -3.39 3.33 -8.73
N ASN A 300 -3.16 2.20 -8.05
CA ASN A 300 -2.61 1.03 -8.72
C ASN A 300 -3.50 0.60 -9.88
N ILE A 301 -4.82 0.54 -9.66
CA ILE A 301 -5.71 0.09 -10.73
C ILE A 301 -5.59 1.00 -11.94
N VAL A 302 -5.48 2.32 -11.74
CA VAL A 302 -5.37 3.21 -12.89
C VAL A 302 -3.97 3.20 -13.50
N THR A 303 -2.99 2.48 -12.92
CA THR A 303 -1.79 2.23 -13.75
C THR A 303 -1.98 1.16 -14.83
N GLY A 304 -3.12 0.48 -14.86
CA GLY A 304 -3.34 -0.57 -15.83
C GLY A 304 -3.78 -0.08 -17.21
N THR A 305 -4.74 -0.78 -17.82
CA THR A 305 -5.23 -0.41 -19.14
C THR A 305 -6.27 0.69 -19.02
N ASP A 306 -6.54 1.32 -20.15
CA ASP A 306 -7.54 2.37 -20.16
C ASP A 306 -8.92 1.81 -19.83
N GLU A 307 -9.15 0.53 -20.11
CA GLU A 307 -10.44 -0.06 -19.74
C GLU A 307 -10.56 -0.24 -18.23
N GLN A 308 -9.45 -0.63 -17.56
CA GLN A 308 -9.43 -0.72 -16.10
C GLN A 308 -9.64 0.65 -15.46
N THR A 309 -8.83 1.63 -15.91
CA THR A 309 -9.03 3.02 -15.52
C THR A 309 -10.48 3.44 -15.66
N GLN A 310 -11.11 3.05 -16.78
CA GLN A 310 -12.48 3.44 -17.02
C GLN A 310 -13.42 2.85 -15.98
N LYS A 311 -13.13 1.64 -15.48
CA LYS A 311 -13.93 1.12 -14.38
C LYS A 311 -13.87 2.05 -13.17
N VAL A 312 -12.68 2.58 -12.89
CA VAL A 312 -12.54 3.52 -11.77
C VAL A 312 -13.39 4.79 -12.02
N ILE A 313 -13.32 5.34 -13.23
CA ILE A 313 -14.10 6.56 -13.55
C ILE A 313 -15.59 6.28 -13.46
N ASP A 314 -16.05 5.15 -14.01
CA ASP A 314 -17.47 4.82 -14.02
C ASP A 314 -18.01 4.59 -12.61
N ALA A 315 -17.18 4.07 -11.71
CA ALA A 315 -17.65 3.86 -10.34
C ALA A 315 -17.82 5.17 -9.58
N GLY A 316 -17.38 6.29 -10.15
CA GLY A 316 -17.58 7.59 -9.56
C GLY A 316 -16.40 8.16 -8.81
N ALA A 317 -15.18 7.67 -9.09
CA ALA A 317 -14.05 8.05 -8.26
C ALA A 317 -13.76 9.52 -8.37
N LEU A 318 -13.91 10.09 -9.57
CA LEU A 318 -13.47 11.47 -9.79
C LEU A 318 -14.17 12.46 -8.86
N ALA A 319 -15.38 12.15 -8.42
CA ALA A 319 -16.11 13.08 -7.54
C ALA A 319 -15.50 13.18 -6.14
N VAL A 320 -14.61 12.27 -5.76
CA VAL A 320 -13.95 12.39 -4.46
C VAL A 320 -12.68 13.22 -4.56
N PHE A 321 -12.19 13.50 -5.77
CA PHE A 321 -10.86 14.11 -5.82
C PHE A 321 -10.78 15.58 -5.41
N PRO A 322 -11.86 16.38 -5.46
CA PRO A 322 -11.77 17.70 -4.82
C PRO A 322 -11.29 17.61 -3.37
N SER A 323 -11.86 16.70 -2.58
CA SER A 323 -11.38 16.50 -1.20
C SER A 323 -9.97 15.93 -1.18
N LEU A 324 -9.71 14.91 -2.00
CA LEU A 324 -8.42 14.24 -1.93
C LEU A 324 -7.30 15.18 -2.35
N LEU A 325 -7.52 15.96 -3.41
CA LEU A 325 -6.47 16.86 -3.88
C LEU A 325 -6.28 18.06 -2.94
N THR A 326 -7.14 18.23 -1.91
CA THR A 326 -6.88 19.27 -0.92
C THR A 326 -6.72 18.68 0.47
N ASN A 327 -6.54 17.37 0.56
CA ASN A 327 -6.59 16.70 1.85
C ASN A 327 -5.45 17.20 2.73
N PRO A 328 -5.70 17.46 4.01
CA PRO A 328 -4.62 17.95 4.87
C PRO A 328 -3.47 16.97 5.08
N LYS A 329 -3.67 15.67 4.85
CA LYS A 329 -2.58 14.70 4.93
C LYS A 329 -1.78 14.76 3.65
N THR A 330 -0.51 15.13 3.76
CA THR A 330 0.35 15.30 2.59
C THR A 330 0.40 14.05 1.72
N ASN A 331 0.44 12.87 2.34
CA ASN A 331 0.55 11.62 1.57
C ASN A 331 -0.72 11.33 0.78
N ILE A 332 -1.90 11.68 1.33
CA ILE A 332 -3.13 11.53 0.57
C ILE A 332 -3.09 12.45 -0.65
N GLN A 333 -2.69 13.71 -0.47
CA GLN A 333 -2.60 14.64 -1.58
C GLN A 333 -1.65 14.11 -2.64
N LYS A 334 -0.52 13.59 -2.20
CA LYS A 334 0.48 13.10 -3.12
C LYS A 334 -0.06 11.93 -3.93
N GLU A 335 -0.70 10.97 -3.26
CA GLU A 335 -1.17 9.77 -3.96
C GLU A 335 -2.42 10.06 -4.80
N ALA A 336 -3.23 11.04 -4.38
CA ALA A 336 -4.32 11.51 -5.24
C ALA A 336 -3.78 12.14 -6.52
N THR A 337 -2.70 12.90 -6.40
CA THR A 337 -2.19 13.55 -7.60
C THR A 337 -1.52 12.54 -8.53
N TRP A 338 -0.73 11.62 -7.96
CA TRP A 338 -0.24 10.46 -8.71
C TRP A 338 -1.36 9.74 -9.46
N THR A 339 -2.46 9.45 -8.76
CA THR A 339 -3.61 8.84 -9.43
C THR A 339 -4.09 9.69 -10.60
N MET A 340 -4.20 11.02 -10.39
CA MET A 340 -4.68 11.89 -11.46
C MET A 340 -3.74 11.85 -12.65
N SER A 341 -2.43 11.80 -12.41
CA SER A 341 -1.47 11.70 -13.50
C SER A 341 -1.66 10.41 -14.30
N ASN A 342 -2.04 9.31 -13.64
CA ASN A 342 -2.30 8.12 -14.44
C ASN A 342 -3.69 8.12 -15.06
N ILE A 343 -4.54 9.09 -14.70
CA ILE A 343 -5.78 9.24 -15.45
C ILE A 343 -5.60 10.23 -16.61
N THR A 344 -4.80 11.28 -16.44
CA THR A 344 -4.59 12.17 -17.56
C THR A 344 -3.67 11.54 -18.60
N ALA A 345 -3.08 10.38 -18.31
CA ALA A 345 -2.34 9.64 -19.31
C ALA A 345 -3.23 8.78 -20.21
N GLY A 346 -4.53 8.77 -19.98
CA GLY A 346 -5.45 7.93 -20.74
C GLY A 346 -5.97 8.56 -22.00
N ARG A 347 -7.17 8.14 -22.38
CA ARG A 347 -7.80 8.58 -23.59
C ARG A 347 -8.37 9.98 -23.44
N GLN A 348 -8.67 10.59 -24.59
CA GLN A 348 -9.19 11.95 -24.57
C GLN A 348 -10.55 12.03 -23.90
N ASP A 349 -11.39 10.99 -24.03
CA ASP A 349 -12.66 11.01 -23.30
C ASP A 349 -12.46 10.89 -21.79
N GLN A 350 -11.33 10.34 -21.35
CA GLN A 350 -11.02 10.24 -19.93
C GLN A 350 -10.48 11.57 -19.41
N ILE A 351 -9.53 12.16 -20.14
CA ILE A 351 -9.13 13.54 -19.91
C ILE A 351 -10.36 14.44 -19.84
N GLN A 352 -11.32 14.21 -20.73
CA GLN A 352 -12.52 15.03 -20.75
C GLN A 352 -13.32 14.84 -19.48
N GLN A 353 -13.31 13.62 -18.91
CA GLN A 353 -14.05 13.50 -17.65
C GLN A 353 -13.32 14.17 -16.49
N VAL A 354 -11.99 14.22 -16.53
CA VAL A 354 -11.27 15.05 -15.57
C VAL A 354 -11.71 16.51 -15.71
N VAL A 355 -11.85 16.99 -16.95
CA VAL A 355 -12.33 18.36 -17.15
C VAL A 355 -13.73 18.54 -16.57
N ASN A 356 -14.66 17.63 -16.93
CA ASN A 356 -16.06 17.78 -16.55
C ASN A 356 -16.26 17.75 -15.03
N HIS A 357 -15.46 16.96 -14.32
CA HIS A 357 -15.55 16.93 -12.87
C HIS A 357 -14.89 18.12 -12.21
N GLY A 358 -14.38 19.07 -13.00
CA GLY A 358 -13.84 20.29 -12.44
C GLY A 358 -12.51 20.13 -11.78
N LEU A 359 -11.73 19.12 -12.17
CA LEU A 359 -10.51 18.77 -11.45
C LEU A 359 -9.31 19.54 -11.95
N VAL A 360 -9.38 20.14 -13.12
CA VAL A 360 -8.26 20.92 -13.64
C VAL A 360 -7.91 22.05 -12.68
N PRO A 361 -8.87 22.83 -12.15
CA PRO A 361 -8.50 23.86 -11.17
C PRO A 361 -7.81 23.27 -9.95
N PHE A 362 -8.19 22.05 -9.55
CA PHE A 362 -7.54 21.41 -8.42
C PHE A 362 -6.11 21.00 -8.75
N LEU A 363 -5.85 20.60 -10.01
CA LEU A 363 -4.46 20.39 -10.43
C LEU A 363 -3.67 21.71 -10.48
N VAL A 364 -4.30 22.78 -10.98
CA VAL A 364 -3.64 24.10 -10.89
C VAL A 364 -3.29 24.41 -9.44
N GLY A 365 -4.22 24.14 -8.52
CA GLY A 365 -3.98 24.41 -7.12
C GLY A 365 -2.82 23.61 -6.53
N VAL A 366 -2.75 22.30 -6.82
CA VAL A 366 -1.62 21.57 -6.20
C VAL A 366 -0.31 21.94 -6.88
N LEU A 367 -0.32 22.29 -8.16
CA LEU A 367 0.90 22.83 -8.77
C LEU A 367 1.30 24.16 -8.12
N SER A 368 0.32 24.97 -7.70
CA SER A 368 0.64 26.29 -7.16
C SER A 368 1.22 26.20 -5.77
N LYS A 369 0.66 25.33 -4.95
CA LYS A 369 1.07 25.23 -3.55
C LYS A 369 0.76 23.82 -3.08
N ALA A 370 1.80 23.09 -2.74
CA ALA A 370 1.68 21.75 -2.17
C ALA A 370 3.07 21.36 -1.71
N ASP A 371 3.13 20.25 -0.98
CA ASP A 371 4.42 19.61 -0.76
C ASP A 371 5.10 19.36 -2.11
N PHE A 372 6.43 19.49 -2.15
CA PHE A 372 7.15 19.38 -3.43
C PHE A 372 6.91 18.04 -4.13
N LYS A 373 6.86 16.93 -3.39
CA LYS A 373 6.62 15.65 -4.05
C LYS A 373 5.26 15.64 -4.76
N THR A 374 4.25 16.22 -4.12
CA THR A 374 2.94 16.38 -4.75
C THR A 374 3.04 17.27 -5.98
N GLN A 375 3.75 18.40 -5.86
CA GLN A 375 3.90 19.29 -7.01
C GLN A 375 4.50 18.55 -8.19
N LYS A 376 5.47 17.67 -7.92
CA LYS A 376 6.09 16.92 -9.02
C LYS A 376 5.09 15.96 -9.65
N GLU A 377 4.29 15.27 -8.83
CA GLU A 377 3.21 14.46 -9.39
C GLU A 377 2.26 15.30 -10.23
N ALA A 378 1.98 16.54 -9.80
CA ALA A 378 1.09 17.40 -10.57
C ALA A 378 1.73 17.81 -11.89
N ALA A 379 3.04 18.06 -11.88
CA ALA A 379 3.77 18.29 -13.13
C ALA A 379 3.59 17.11 -14.10
N TRP A 380 3.76 15.89 -13.58
CA TRP A 380 3.52 14.70 -14.41
C TRP A 380 2.07 14.66 -14.92
N ALA A 381 1.10 14.94 -14.04
CA ALA A 381 -0.29 14.94 -14.50
C ALA A 381 -0.48 15.92 -15.64
N ILE A 382 0.21 17.07 -15.57
CA ILE A 382 0.01 18.12 -16.57
C ILE A 382 0.65 17.71 -17.90
N THR A 383 1.88 17.17 -17.87
CA THR A 383 2.48 16.77 -19.15
C THR A 383 1.73 15.59 -19.77
N ASN A 384 1.27 14.63 -18.95
CA ASN A 384 0.42 13.57 -19.49
C ASN A 384 -0.84 14.16 -20.15
N TYR A 385 -1.52 15.07 -19.45
CA TYR A 385 -2.68 15.77 -20.02
C TYR A 385 -2.34 16.42 -21.36
N THR A 386 -1.25 17.20 -21.41
CA THR A 386 -0.93 17.95 -22.61
C THR A 386 -0.48 17.05 -23.75
N SER A 387 0.20 15.95 -23.41
CA SER A 387 0.64 14.99 -24.41
C SER A 387 -0.55 14.24 -25.02
N GLY A 388 -1.58 13.97 -24.22
CA GLY A 388 -2.69 13.20 -24.77
C GLY A 388 -3.93 13.98 -25.17
N GLY A 389 -4.05 15.25 -24.72
CA GLY A 389 -5.31 15.95 -24.85
C GLY A 389 -5.53 16.59 -26.22
N THR A 390 -6.80 16.87 -26.52
CA THR A 390 -7.13 17.68 -27.68
C THR A 390 -6.62 19.12 -27.53
N VAL A 391 -6.74 19.87 -28.63
CA VAL A 391 -6.36 21.28 -28.60
C VAL A 391 -7.26 22.05 -27.64
N GLU A 392 -8.57 21.83 -27.72
CA GLU A 392 -9.52 22.52 -26.84
C GLU A 392 -9.30 22.15 -25.36
N GLN A 393 -8.91 20.91 -25.09
CA GLN A 393 -8.59 20.54 -23.71
C GLN A 393 -7.36 21.28 -23.23
N ILE A 394 -6.37 21.49 -24.11
CA ILE A 394 -5.16 22.22 -23.70
C ILE A 394 -5.44 23.72 -23.57
N VAL A 395 -6.27 24.25 -24.47
CA VAL A 395 -6.74 25.62 -24.34
C VAL A 395 -7.38 25.81 -22.98
N TYR A 396 -8.30 24.91 -22.63
CA TYR A 396 -9.00 24.98 -21.36
C TYR A 396 -8.02 24.91 -20.20
N LEU A 397 -7.02 24.05 -20.30
CA LEU A 397 -5.97 23.98 -19.30
C LEU A 397 -5.32 25.34 -19.09
N VAL A 398 -4.99 26.04 -20.17
CA VAL A 398 -4.30 27.34 -20.03
C VAL A 398 -5.24 28.38 -19.43
N HIS A 399 -6.50 28.39 -19.86
CA HIS A 399 -7.48 29.30 -19.30
C HIS A 399 -7.72 29.06 -17.81
N CYS A 400 -7.43 27.85 -17.30
CA CYS A 400 -7.53 27.61 -15.86
C CYS A 400 -6.36 28.18 -15.08
N GLY A 401 -5.31 28.65 -15.75
CA GLY A 401 -4.20 29.27 -15.08
C GLY A 401 -2.97 28.42 -14.90
N ILE A 402 -2.73 27.42 -15.75
CA ILE A 402 -1.64 26.48 -15.51
C ILE A 402 -0.26 27.13 -15.68
N ILE A 403 -0.18 28.17 -16.53
CA ILE A 403 1.13 28.62 -17.01
C ILE A 403 2.00 29.18 -15.88
N GLU A 404 1.45 30.10 -15.11
CA GLU A 404 2.28 30.73 -14.07
C GLU A 404 2.79 29.74 -13.03
N PRO A 405 1.96 28.90 -12.40
CA PRO A 405 2.54 27.94 -11.44
C PRO A 405 3.52 26.96 -12.09
N LEU A 406 3.25 26.57 -13.34
CA LEU A 406 4.18 25.74 -14.09
C LEU A 406 5.55 26.43 -14.21
N MET A 407 5.54 27.71 -14.61
CA MET A 407 6.78 28.48 -14.73
C MET A 407 7.49 28.62 -13.39
N ASN A 408 6.73 28.89 -12.32
CA ASN A 408 7.37 29.08 -11.03
C ASN A 408 8.09 27.83 -10.60
N LEU A 409 7.63 26.66 -11.05
CA LEU A 409 8.33 25.44 -10.69
C LEU A 409 9.61 25.21 -11.49
N LEU A 410 9.96 26.10 -12.41
CA LEU A 410 11.24 25.98 -13.10
C LEU A 410 12.40 26.49 -12.27
N SER A 411 12.13 27.01 -11.07
CA SER A 411 13.14 27.38 -10.10
C SER A 411 13.59 26.20 -9.26
N ALA A 412 13.04 25.01 -9.49
CA ALA A 412 13.23 23.93 -8.55
C ALA A 412 14.59 23.24 -8.77
N LYS A 413 15.23 22.87 -7.66
CA LYS A 413 16.47 22.10 -7.67
C LYS A 413 16.10 20.61 -7.77
N ASP A 414 15.65 20.23 -8.96
CA ASP A 414 15.31 18.83 -9.25
C ASP A 414 15.22 18.77 -10.77
N THR A 415 16.22 18.16 -11.39
CA THR A 415 16.27 18.29 -12.84
C THR A 415 15.14 17.52 -13.52
N LYS A 416 14.63 16.45 -12.88
CA LYS A 416 13.57 15.66 -13.49
C LYS A 416 12.27 16.47 -13.64
N ILE A 417 11.85 17.18 -12.58
CA ILE A 417 10.64 17.99 -12.71
C ILE A 417 10.84 19.08 -13.76
N ILE A 418 12.06 19.56 -13.94
CA ILE A 418 12.33 20.56 -14.97
C ILE A 418 12.12 19.96 -16.35
N GLN A 419 12.62 18.75 -16.57
CA GLN A 419 12.37 18.09 -17.85
C GLN A 419 10.88 17.91 -18.10
N VAL A 420 10.16 17.43 -17.08
CA VAL A 420 8.71 17.23 -17.20
C VAL A 420 8.02 18.54 -17.58
N ILE A 421 8.38 19.64 -16.92
CA ILE A 421 7.72 20.92 -17.18
C ILE A 421 8.05 21.41 -18.59
N LEU A 422 9.32 21.37 -18.99
CA LEU A 422 9.70 21.79 -20.34
C LEU A 422 8.95 21.00 -21.39
N ASP A 423 8.81 19.69 -21.19
CA ASP A 423 8.03 18.87 -22.11
C ASP A 423 6.57 19.35 -22.18
N ALA A 424 5.96 19.63 -21.01
CA ALA A 424 4.59 20.15 -21.02
C ALA A 424 4.51 21.45 -21.81
N ILE A 425 5.46 22.36 -21.60
CA ILE A 425 5.44 23.63 -22.31
C ILE A 425 5.51 23.40 -23.81
N SER A 426 6.35 22.47 -24.26
CA SER A 426 6.39 22.16 -25.69
C SER A 426 5.05 21.64 -26.18
N ASN A 427 4.39 20.75 -25.42
CA ASN A 427 3.09 20.25 -25.85
C ASN A 427 2.08 21.39 -25.99
N ILE A 428 2.10 22.33 -25.03
CA ILE A 428 1.17 23.46 -25.09
C ILE A 428 1.48 24.36 -26.27
N PHE A 429 2.77 24.66 -26.50
CA PHE A 429 3.16 25.44 -27.66
C PHE A 429 2.70 24.78 -28.96
N GLN A 430 2.73 23.44 -29.02
CA GLN A 430 2.26 22.76 -30.22
C GLN A 430 0.75 22.93 -30.41
N ALA A 431 -0.02 22.93 -29.32
CA ALA A 431 -1.44 23.30 -29.47
C ALA A 431 -1.58 24.75 -29.96
N ALA A 432 -0.72 25.65 -29.46
CA ALA A 432 -0.80 27.05 -29.84
C ALA A 432 -0.49 27.23 -31.32
N GLU A 433 0.56 26.56 -31.81
CA GLU A 433 0.86 26.54 -33.24
C GLU A 433 -0.31 26.03 -34.06
N LYS A 434 -0.93 24.93 -33.63
CA LYS A 434 -2.13 24.49 -34.33
C LYS A 434 -3.23 25.55 -34.30
N LEU A 435 -3.17 26.54 -33.39
CA LEU A 435 -4.14 27.63 -33.40
C LEU A 435 -3.61 28.95 -33.96
N GLY A 436 -2.33 29.01 -34.33
CA GLY A 436 -1.74 30.25 -34.79
C GLY A 436 -1.59 31.31 -33.72
N GLU A 437 -1.44 30.91 -32.46
CA GLU A 437 -1.37 31.85 -31.34
C GLU A 437 -0.17 31.58 -30.45
N THR A 438 0.90 31.06 -31.04
CA THR A 438 2.16 30.88 -30.33
C THR A 438 2.64 32.18 -29.69
N GLU A 439 2.31 33.31 -30.29
CA GLU A 439 2.83 34.57 -29.78
C GLU A 439 2.15 34.97 -28.48
N LYS A 440 0.82 34.85 -28.41
CA LYS A 440 0.11 35.16 -27.17
C LYS A 440 0.62 34.30 -26.02
N LEU A 441 0.91 33.03 -26.30
CA LEU A 441 1.48 32.17 -25.27
C LEU A 441 2.89 32.60 -24.90
N SER A 442 3.69 33.00 -25.90
CA SER A 442 5.02 33.52 -25.63
C SER A 442 4.95 34.72 -24.69
N ILE A 443 4.02 35.62 -24.96
CA ILE A 443 3.83 36.81 -24.13
C ILE A 443 3.41 36.40 -22.73
N MET A 444 2.40 35.53 -22.63
CA MET A 444 1.95 35.03 -21.33
C MET A 444 3.10 34.46 -20.52
N ILE A 445 3.95 33.64 -21.15
CA ILE A 445 5.08 33.02 -20.44
C ILE A 445 6.10 34.06 -20.02
N GLU A 446 6.29 35.12 -20.82
CA GLU A 446 7.28 36.12 -20.45
C GLU A 446 6.76 37.07 -19.37
N GLU A 447 5.50 37.49 -19.48
CA GLU A 447 4.92 38.45 -18.54
C GLU A 447 4.82 37.91 -17.12
N CYS A 448 4.86 36.59 -16.93
CA CYS A 448 4.85 36.01 -15.59
C CYS A 448 6.23 35.58 -15.13
N GLY A 449 7.28 35.92 -15.88
CA GLY A 449 8.64 35.60 -15.50
C GLY A 449 9.17 34.27 -16.03
N GLY A 450 8.41 33.59 -16.89
CA GLY A 450 8.82 32.26 -17.32
C GLY A 450 10.05 32.25 -18.20
N LEU A 451 10.21 33.29 -19.02
CA LEU A 451 11.32 33.31 -19.99
C LEU A 451 12.66 33.44 -19.30
N ASP A 452 12.76 34.31 -18.30
CA ASP A 452 13.95 34.36 -17.46
C ASP A 452 14.37 32.96 -17.02
N LYS A 453 13.43 32.19 -16.49
CA LYS A 453 13.74 30.85 -15.99
C LYS A 453 14.15 29.92 -17.12
N ILE A 454 13.49 30.01 -18.27
CA ILE A 454 13.84 29.13 -19.39
C ILE A 454 15.27 29.38 -19.88
N GLU A 455 15.67 30.65 -20.03
CA GLU A 455 17.03 30.90 -20.51
C GLU A 455 18.05 30.64 -19.42
N ALA A 456 17.70 30.88 -18.15
CA ALA A 456 18.54 30.38 -17.07
C ALA A 456 18.78 28.89 -17.22
N LEU A 457 17.80 28.15 -17.75
CA LEU A 457 17.99 26.72 -17.98
C LEU A 457 18.76 26.41 -19.26
N GLN A 458 18.92 27.37 -20.17
CA GLN A 458 19.85 27.15 -21.28
C GLN A 458 21.26 26.80 -20.81
N ARG A 459 21.69 27.33 -19.67
CA ARG A 459 23.00 27.05 -19.09
C ARG A 459 22.92 26.06 -17.93
N HIS A 460 22.09 25.03 -18.07
CA HIS A 460 21.94 24.02 -17.05
C HIS A 460 22.84 22.84 -17.39
N GLU A 461 23.44 22.25 -16.34
CA GLU A 461 24.41 21.18 -16.54
C GLU A 461 23.78 19.87 -17.04
N ASN A 462 22.48 19.70 -16.93
CA ASN A 462 21.85 18.54 -17.56
C ASN A 462 21.64 18.82 -19.04
N GLU A 463 21.76 17.78 -19.86
CA GLU A 463 21.84 17.98 -21.30
C GLU A 463 20.47 18.17 -21.93
N SER A 464 19.58 17.19 -21.77
CA SER A 464 18.25 17.30 -22.35
C SER A 464 17.51 18.54 -21.86
N VAL A 465 17.84 19.01 -20.65
CA VAL A 465 17.35 20.27 -20.13
C VAL A 465 17.70 21.41 -21.08
N TYR A 466 19.00 21.73 -21.20
CA TYR A 466 19.39 22.89 -21.98
C TYR A 466 19.08 22.71 -23.47
N LYS A 467 19.01 21.47 -23.94
CA LYS A 467 18.56 21.23 -25.31
C LYS A 467 17.11 21.63 -25.50
N ALA A 468 16.22 21.14 -24.63
CA ALA A 468 14.81 21.48 -24.75
C ALA A 468 14.58 22.97 -24.56
N SER A 469 15.30 23.58 -23.60
CA SER A 469 15.11 24.98 -23.29
C SER A 469 15.57 25.86 -24.43
N LEU A 470 16.82 25.66 -24.86
CA LEU A 470 17.34 26.29 -26.06
C LEU A 470 16.35 26.15 -27.20
N ASN A 471 16.01 24.90 -27.61
CA ASN A 471 14.95 24.66 -28.61
C ASN A 471 13.75 25.58 -28.44
N LEU A 472 13.20 25.67 -27.22
CA LEU A 472 12.03 26.52 -26.97
C LEU A 472 12.32 27.99 -27.30
N ILE A 473 13.50 28.47 -26.89
CA ILE A 473 13.83 29.88 -27.12
C ILE A 473 14.02 30.17 -28.61
N GLU A 474 14.73 29.27 -29.33
CA GLU A 474 14.86 29.40 -30.78
C GLU A 474 13.51 29.45 -31.47
N LYS A 475 12.61 28.55 -31.08
CA LYS A 475 11.41 28.36 -31.87
C LYS A 475 10.34 29.39 -31.54
N TYR A 476 10.33 29.91 -30.30
CA TYR A 476 9.18 30.69 -29.85
C TYR A 476 9.49 32.08 -29.33
N PHE A 477 10.77 32.46 -29.16
CA PHE A 477 11.12 33.73 -28.52
C PHE A 477 12.23 34.44 -29.33
N SER A 478 11.83 35.04 -30.44
CA SER A 478 12.75 35.75 -31.34
C SER A 478 12.00 36.80 -32.16
N ARG B 21 3.00 -5.10 9.08
CA ARG B 21 3.94 -6.06 8.48
C ARG B 21 4.31 -7.21 9.43
N LYS B 22 4.72 -6.84 10.64
CA LYS B 22 4.81 -7.76 11.76
C LYS B 22 4.31 -7.04 13.01
N ARG B 23 3.70 -7.79 13.92
CA ARG B 23 3.31 -7.14 15.17
C ARG B 23 3.32 -8.11 16.34
N PRO B 24 3.94 -7.73 17.45
CA PRO B 24 3.92 -8.58 18.65
C PRO B 24 2.57 -8.41 19.35
N ARG B 25 2.25 -9.40 20.18
CA ARG B 25 1.09 -9.32 21.05
C ARG B 25 1.56 -8.81 22.41
N VAL B 26 1.11 -7.61 22.79
CA VAL B 26 1.47 -7.02 24.08
C VAL B 26 0.32 -7.14 25.07
#